data_6VB1
#
_entry.id   6VB1
#
_cell.length_a   51.040
_cell.length_b   81.263
_cell.length_c   111.477
_cell.angle_alpha   90.000
_cell.angle_beta   90.000
_cell.angle_gamma   90.000
#
_symmetry.space_group_name_H-M   'P 21 21 21'
#
loop_
_entity.id
_entity.type
_entity.pdbx_description
1 polymer 'MHC class I antigen'
2 polymer Beta-2-microglobulin
3 polymer 'Synthetic peptide GLU-LEU-ARG-ALA-ARG-GLU-GLU-ALA-TYR'
4 non-polymer 1,2-ETHANEDIOL
5 non-polymer GLYCEROL
6 non-polymer 'SODIUM ION'
7 water water
#
loop_
_entity_poly.entity_id
_entity_poly.type
_entity_poly.pdbx_seq_one_letter_code
_entity_poly.pdbx_strand_id
1 'polypeptide(L)'
;GSHSMRYFYTAMSRPGRGEPRFIAVGYVDDTQFVRFDSDAASPRMAPRAPWIEQEGPEYWDRNTQISKTNTQTYRESLRN
LRGYYNQSEAGSHIIQRMYGCDVGPDGRLLRGYDQSAYDGKDYIALNEDLSSWTAADTAAQITQRKWEAAREAEQLRAYL
EGLCVEWLRRYLENGKETLQRADPPKTHVTHHPISDHEATLRCWALGFYPAEITLTWQRDGEDQTQDTELVETRPAGDRT
FQKWAAVVVPSGEEQRYTCHVQHEGLPKPLTLRWEP
;
A
2 'polypeptide(L)'
;IQRTPKIQVYSRHPAENGKSNFLNCYVSGFHPSDIEVDLLKNGERIEKVEHSDLSFSKDWSFYLLYYTEFTPTEKDEYAC
RVNHVTLSQPKIVKWDRDM
;
B
3 'polypeptide(L)' ELRAREEAY C
#
# COMPACT_ATOMS: atom_id res chain seq x y z
N GLY A 1 -11.69 11.13 13.58
CA GLY A 1 -12.87 10.28 13.47
C GLY A 1 -12.63 8.81 13.73
N SER A 2 -12.86 7.98 12.71
CA SER A 2 -12.70 6.54 12.82
C SER A 2 -11.28 6.13 12.44
N HIS A 3 -10.91 4.92 12.85
CA HIS A 3 -9.53 4.46 12.69
C HIS A 3 -9.52 2.97 12.39
N SER A 4 -8.41 2.50 11.83
CA SER A 4 -8.28 1.10 11.46
C SER A 4 -6.92 0.56 11.88
N MET A 5 -6.88 -0.73 12.15
CA MET A 5 -5.63 -1.48 12.28
C MET A 5 -5.71 -2.64 11.31
N ARG A 6 -4.64 -2.88 10.57
CA ARG A 6 -4.62 -3.96 9.60
C ARG A 6 -3.26 -4.64 9.61
N TYR A 7 -3.28 -5.96 9.51
CA TYR A 7 -2.07 -6.71 9.20
C TYR A 7 -2.18 -7.31 7.81
N PHE A 8 -1.05 -7.32 7.11
CA PHE A 8 -0.93 -7.80 5.73
C PHE A 8 0.15 -8.87 5.73
N TYR A 9 -0.26 -10.10 5.43
CA TYR A 9 0.65 -11.23 5.34
C TYR A 9 0.83 -11.63 3.88
N THR A 10 2.07 -11.89 3.48
CA THR A 10 2.39 -12.47 2.17
C THR A 10 3.29 -13.67 2.39
N ALA A 11 2.86 -14.85 1.92
CA ALA A 11 3.66 -16.07 1.96
C ALA A 11 3.89 -16.55 0.52
N MET A 12 5.15 -16.75 0.15
CA MET A 12 5.51 -16.98 -1.25
CA MET A 12 5.55 -16.95 -1.24
C MET A 12 6.43 -18.18 -1.34
N SER A 13 5.98 -19.20 -2.07
CA SER A 13 6.89 -20.33 -2.26
C SER A 13 7.84 -20.04 -3.43
N ARG A 14 8.93 -20.81 -3.48
CA ARG A 14 10.00 -20.56 -4.44
C ARG A 14 10.78 -21.87 -4.61
N PRO A 15 10.19 -22.86 -5.26
CA PRO A 15 10.81 -24.19 -5.28
C PRO A 15 12.23 -24.12 -5.84
N GLY A 16 13.14 -24.83 -5.19
CA GLY A 16 14.54 -24.76 -5.57
C GLY A 16 15.31 -23.64 -4.92
N ARG A 17 14.63 -22.69 -4.28
CA ARG A 17 15.31 -21.55 -3.66
C ARG A 17 14.95 -21.47 -2.18
N GLY A 18 14.90 -22.62 -1.52
CA GLY A 18 14.60 -22.65 -0.10
C GLY A 18 13.12 -22.71 0.19
N GLU A 19 12.80 -22.50 1.47
CA GLU A 19 11.44 -22.60 1.97
C GLU A 19 10.67 -21.30 1.72
N PRO A 20 9.33 -21.37 1.70
CA PRO A 20 8.55 -20.16 1.39
C PRO A 20 8.86 -19.01 2.35
N ARG A 21 8.98 -17.81 1.77
CA ARG A 21 9.20 -16.59 2.53
C ARG A 21 7.88 -16.12 3.13
N PHE A 22 7.93 -15.63 4.37
CA PHE A 22 6.77 -15.06 5.05
C PHE A 22 7.09 -13.63 5.45
N ILE A 23 6.26 -12.69 5.00
CA ILE A 23 6.37 -11.27 5.36
C ILE A 23 5.07 -10.84 6.00
N ALA A 24 5.18 -10.07 7.08
CA ALA A 24 4.02 -9.49 7.74
C ALA A 24 4.31 -8.02 8.01
N VAL A 25 3.34 -7.15 7.70
CA VAL A 25 3.46 -5.73 8.02
C VAL A 25 2.16 -5.31 8.70
N GLY A 26 2.27 -4.38 9.63
CA GLY A 26 1.11 -3.86 10.34
C GLY A 26 0.95 -2.37 10.11
N TYR A 27 -0.30 -1.92 10.00
CA TYR A 27 -0.64 -0.52 9.79
C TYR A 27 -1.66 -0.08 10.82
N VAL A 28 -1.55 1.18 11.26
CA VAL A 28 -2.69 1.90 11.83
C VAL A 28 -3.03 2.99 10.84
N ASP A 29 -4.28 3.00 10.34
CA ASP A 29 -4.67 3.92 9.27
C ASP A 29 -3.64 3.78 8.15
N ASP A 30 -3.02 4.87 7.68
CA ASP A 30 -2.05 4.82 6.60
C ASP A 30 -0.62 4.87 7.11
N THR A 31 -0.39 4.47 8.36
CA THR A 31 0.94 4.50 8.96
C THR A 31 1.40 3.08 9.26
N GLN A 32 2.47 2.65 8.60
CA GLN A 32 3.03 1.36 8.96
C GLN A 32 3.73 1.45 10.31
N PHE A 33 3.55 0.43 11.16
CA PHE A 33 4.20 0.49 12.47
C PHE A 33 5.05 -0.72 12.84
N VAL A 34 4.91 -1.88 12.17
CA VAL A 34 5.75 -3.05 12.44
C VAL A 34 5.98 -3.81 11.15
N ARG A 35 7.05 -4.62 11.15
CA ARG A 35 7.31 -5.54 10.05
C ARG A 35 7.98 -6.80 10.57
N PHE A 36 7.79 -7.90 9.83
CA PHE A 36 8.49 -9.17 10.06
C PHE A 36 8.85 -9.76 8.70
N ASP A 37 10.07 -10.31 8.58
CA ASP A 37 10.50 -10.93 7.33
C ASP A 37 11.28 -12.18 7.69
N SER A 38 10.76 -13.35 7.30
CA SER A 38 11.44 -14.61 7.62
C SER A 38 12.80 -14.72 6.94
N ASP A 39 13.06 -13.92 5.91
CA ASP A 39 14.37 -13.99 5.25
C ASP A 39 15.44 -13.18 5.96
N ALA A 40 15.08 -12.43 7.00
CA ALA A 40 16.06 -11.57 7.65
C ALA A 40 17.13 -12.40 8.34
N ALA A 41 18.33 -11.82 8.48
CA ALA A 41 19.43 -12.54 9.11
C ALA A 41 19.01 -13.12 10.46
N SER A 42 18.36 -12.30 11.29
CA SER A 42 17.73 -12.78 12.52
C SER A 42 16.29 -12.25 12.54
N PRO A 43 15.31 -13.08 12.17
CA PRO A 43 13.92 -12.61 12.07
C PRO A 43 13.37 -12.18 13.42
N ARG A 44 12.80 -10.97 13.45
CA ARG A 44 12.14 -10.43 14.62
C ARG A 44 11.04 -9.49 14.14
N MET A 45 9.95 -9.43 14.91
CA MET A 45 9.05 -8.30 14.77
C MET A 45 9.82 -7.01 15.08
N ALA A 46 9.76 -6.05 14.16
CA ALA A 46 10.58 -4.85 14.25
C ALA A 46 9.74 -3.58 14.12
N PRO A 47 10.08 -2.55 14.89
CA PRO A 47 9.30 -1.30 14.84
C PRO A 47 9.54 -0.53 13.55
N ARG A 48 8.47 0.10 13.06
CA ARG A 48 8.57 0.97 11.91
C ARG A 48 7.93 2.33 12.14
N ALA A 49 7.43 2.61 13.34
CA ALA A 49 6.93 3.90 13.75
C ALA A 49 7.47 4.21 15.14
N PRO A 50 7.80 5.47 15.43
CA PRO A 50 8.45 5.77 16.73
C PRO A 50 7.57 5.47 17.93
N TRP A 51 6.24 5.59 17.81
CA TRP A 51 5.39 5.39 18.96
C TRP A 51 5.23 3.93 19.37
N ILE A 52 5.62 2.97 18.52
CA ILE A 52 5.58 1.56 18.93
C ILE A 52 6.86 1.16 19.68
N GLU A 53 7.92 1.96 19.59
CA GLU A 53 9.18 1.60 20.23
C GLU A 53 9.06 1.51 21.74
N GLN A 54 8.08 2.18 22.35
CA GLN A 54 7.95 2.14 23.80
C GLN A 54 7.36 0.83 24.32
N GLU A 55 6.82 -0.04 23.47
CA GLU A 55 6.39 -1.35 23.95
C GLU A 55 7.60 -2.13 24.48
N GLY A 56 7.37 -2.90 25.54
CA GLY A 56 8.45 -3.58 26.22
C GLY A 56 8.84 -4.90 25.57
N PRO A 57 9.88 -5.52 26.13
CA PRO A 57 10.40 -6.78 25.57
C PRO A 57 9.35 -7.87 25.45
N GLU A 58 8.40 -7.95 26.38
CA GLU A 58 7.39 -9.01 26.30
C GLU A 58 6.59 -8.88 25.01
N TYR A 59 6.20 -7.65 24.66
CA TYR A 59 5.50 -7.40 23.40
C TYR A 59 6.31 -7.89 22.20
N TRP A 60 7.58 -7.50 22.13
CA TRP A 60 8.38 -7.86 20.96
C TRP A 60 8.61 -9.36 20.90
N ASP A 61 8.86 -10.01 22.05
CA ASP A 61 9.04 -11.46 22.03
C ASP A 61 7.76 -12.18 21.63
N ARG A 62 6.61 -11.70 22.10
CA ARG A 62 5.34 -12.38 21.80
C ARG A 62 4.99 -12.25 20.33
N ASN A 63 5.10 -11.05 19.76
CA ASN A 63 4.78 -10.88 18.35
C ASN A 63 5.82 -11.54 17.46
N THR A 64 7.08 -11.59 17.90
CA THR A 64 8.08 -12.33 17.14
C THR A 64 7.75 -13.82 17.11
N GLN A 65 7.36 -14.40 18.25
CA GLN A 65 7.06 -15.83 18.29
CA GLN A 65 7.07 -15.83 18.27
C GLN A 65 5.84 -16.16 17.43
N ILE A 66 4.81 -15.32 17.48
CA ILE A 66 3.64 -15.54 16.63
C ILE A 66 4.05 -15.55 15.17
N SER A 67 4.92 -14.60 14.78
CA SER A 67 5.36 -14.49 13.39
C SER A 67 6.23 -15.68 12.99
N LYS A 68 7.08 -16.17 13.89
CA LYS A 68 7.87 -17.35 13.59
C LYS A 68 6.98 -18.59 13.43
N THR A 69 5.97 -18.72 14.31
CA THR A 69 5.02 -19.82 14.16
C THR A 69 4.26 -19.69 12.85
N ASN A 70 3.84 -18.47 12.49
CA ASN A 70 3.14 -18.28 11.23
C ASN A 70 4.01 -18.63 10.03
N THR A 71 5.33 -18.38 10.12
CA THR A 71 6.21 -18.79 9.02
C THR A 71 6.04 -20.28 8.73
N GLN A 72 5.95 -21.10 9.79
CA GLN A 72 5.76 -22.53 9.61
C GLN A 72 4.34 -22.86 9.17
N THR A 73 3.33 -22.22 9.78
CA THR A 73 1.95 -22.54 9.45
C THR A 73 1.63 -22.18 8.00
N TYR A 74 2.16 -21.06 7.52
CA TYR A 74 1.87 -20.68 6.14
C TYR A 74 2.64 -21.55 5.16
N ARG A 75 3.74 -22.17 5.59
CA ARG A 75 4.39 -23.15 4.71
C ARG A 75 3.53 -24.40 4.58
N GLU A 76 2.95 -24.85 5.69
CA GLU A 76 1.96 -25.92 5.64
C GLU A 76 0.81 -25.55 4.71
N SER A 77 0.30 -24.32 4.84
CA SER A 77 -0.86 -23.92 4.05
C SER A 77 -0.55 -23.90 2.56
N LEU A 78 0.66 -23.45 2.20
CA LEU A 78 1.04 -23.44 0.79
C LEU A 78 1.08 -24.86 0.22
N ARG A 79 1.63 -25.81 0.98
CA ARG A 79 1.61 -27.21 0.56
C ARG A 79 0.19 -27.70 0.38
N ASN A 80 -0.71 -27.28 1.27
CA ASN A 80 -2.08 -27.74 1.20
C ASN A 80 -2.78 -27.18 -0.04
N LEU A 81 -2.62 -25.88 -0.29
CA LEU A 81 -3.34 -25.29 -1.42
C LEU A 81 -2.78 -25.80 -2.74
N ARG A 82 -1.48 -26.07 -2.80
CA ARG A 82 -0.92 -26.69 -4.00
C ARG A 82 -1.67 -27.98 -4.31
N GLY A 83 -1.93 -28.77 -3.27
CA GLY A 83 -2.69 -30.01 -3.46
C GLY A 83 -4.14 -29.77 -3.84
N TYR A 84 -4.78 -28.77 -3.22
CA TYR A 84 -6.20 -28.52 -3.51
C TYR A 84 -6.41 -28.14 -4.98
N TYR A 85 -5.40 -27.58 -5.63
CA TYR A 85 -5.50 -27.18 -7.03
C TYR A 85 -4.75 -28.12 -7.97
N ASN A 86 -4.26 -29.25 -7.46
CA ASN A 86 -3.58 -30.25 -8.29
C ASN A 86 -2.36 -29.67 -8.99
N GLN A 87 -1.64 -28.78 -8.33
CA GLN A 87 -0.53 -28.07 -8.96
C GLN A 87 0.80 -28.80 -8.73
N SER A 88 1.74 -28.59 -9.64
CA SER A 88 3.00 -29.30 -9.50
C SER A 88 3.87 -28.66 -8.42
N GLU A 89 4.94 -29.37 -8.07
CA GLU A 89 5.90 -28.87 -7.10
C GLU A 89 6.82 -27.79 -7.66
N ALA A 90 6.72 -27.49 -8.94
CA ALA A 90 7.72 -26.67 -9.63
C ALA A 90 7.39 -25.19 -9.61
N GLY A 91 6.12 -24.82 -9.43
CA GLY A 91 5.73 -23.44 -9.53
C GLY A 91 5.77 -22.68 -8.21
N SER A 92 5.88 -21.36 -8.34
CA SER A 92 5.83 -20.46 -7.20
CA SER A 92 5.84 -20.45 -7.21
C SER A 92 4.41 -19.94 -7.02
N HIS A 93 3.94 -19.97 -5.78
CA HIS A 93 2.58 -19.55 -5.47
C HIS A 93 2.58 -18.65 -4.25
N ILE A 94 1.52 -17.86 -4.12
CA ILE A 94 1.45 -16.83 -3.08
C ILE A 94 0.11 -16.95 -2.34
N ILE A 95 0.16 -16.98 -1.00
CA ILE A 95 -1.01 -16.71 -0.17
C ILE A 95 -0.88 -15.29 0.39
N GLN A 96 -1.96 -14.52 0.31
CA GLN A 96 -2.02 -13.22 0.95
C GLN A 96 -3.18 -13.20 1.93
N ARG A 97 -2.99 -12.54 3.07
CA ARG A 97 -4.06 -12.41 4.05
C ARG A 97 -4.05 -11.00 4.61
N MET A 98 -5.25 -10.40 4.75
CA MET A 98 -5.41 -9.12 5.42
C MET A 98 -6.45 -9.28 6.50
N TYR A 99 -6.14 -8.82 7.72
CA TYR A 99 -7.14 -8.89 8.79
C TYR A 99 -6.99 -7.68 9.70
N GLY A 100 -8.05 -7.37 10.44
CA GLY A 100 -7.96 -6.26 11.37
C GLY A 100 -9.33 -5.67 11.65
N CYS A 101 -9.34 -4.47 12.23
CA CYS A 101 -10.58 -3.93 12.79
C CYS A 101 -10.67 -2.45 12.48
N ASP A 102 -11.90 -1.94 12.39
CA ASP A 102 -12.17 -0.52 12.36
C ASP A 102 -12.88 -0.14 13.64
N VAL A 103 -12.53 1.03 14.19
CA VAL A 103 -13.20 1.55 15.38
C VAL A 103 -13.69 2.95 15.09
N GLY A 104 -14.73 3.37 15.82
CA GLY A 104 -15.28 4.69 15.66
C GLY A 104 -14.57 5.70 16.54
N PRO A 105 -15.00 6.96 16.48
CA PRO A 105 -14.36 8.00 17.31
C PRO A 105 -14.40 7.68 18.81
N ASP A 106 -15.35 6.88 19.25
CA ASP A 106 -15.46 6.48 20.64
C ASP A 106 -14.73 5.18 20.95
N GLY A 107 -14.04 4.60 19.99
CA GLY A 107 -13.27 3.39 20.20
C GLY A 107 -14.04 2.09 20.05
N ARG A 108 -15.33 2.15 19.72
CA ARG A 108 -16.13 0.94 19.62
C ARG A 108 -15.90 0.27 18.26
N LEU A 109 -15.94 -1.07 18.28
CA LEU A 109 -15.77 -1.83 17.05
C LEU A 109 -16.84 -1.47 16.03
N LEU A 110 -16.41 -1.07 14.84
CA LEU A 110 -17.33 -0.85 13.73
C LEU A 110 -17.45 -2.08 12.86
N ARG A 111 -16.33 -2.75 12.55
CA ARG A 111 -16.37 -3.91 11.68
C ARG A 111 -15.02 -4.60 11.81
N GLY A 112 -15.03 -5.92 11.65
CA GLY A 112 -13.81 -6.70 11.61
C GLY A 112 -13.60 -7.28 10.23
N TYR A 113 -12.36 -7.65 9.92
CA TYR A 113 -12.00 -8.14 8.59
C TYR A 113 -11.08 -9.34 8.73
N ASP A 114 -11.28 -10.33 7.87
CA ASP A 114 -10.29 -11.38 7.62
C ASP A 114 -10.51 -11.92 6.21
N GLN A 115 -9.55 -11.65 5.32
CA GLN A 115 -9.72 -11.99 3.91
C GLN A 115 -8.43 -12.58 3.37
N SER A 116 -8.55 -13.60 2.52
CA SER A 116 -7.38 -14.28 1.95
C SER A 116 -7.50 -14.44 0.44
N ALA A 117 -6.33 -14.49 -0.21
CA ALA A 117 -6.21 -14.69 -1.65
C ALA A 117 -5.11 -15.71 -1.92
N TYR A 118 -5.25 -16.42 -3.04
CA TYR A 118 -4.26 -17.37 -3.53
C TYR A 118 -3.94 -16.99 -4.96
N ASP A 119 -2.65 -16.77 -5.23
CA ASP A 119 -2.17 -16.30 -6.53
C ASP A 119 -2.96 -15.10 -7.03
N GLY A 120 -3.29 -14.18 -6.13
CA GLY A 120 -3.90 -12.92 -6.49
C GLY A 120 -5.39 -12.94 -6.65
N LYS A 121 -6.05 -14.07 -6.42
CA LYS A 121 -7.50 -14.16 -6.58
C LYS A 121 -8.12 -14.51 -5.23
N ASP A 122 -9.27 -13.89 -4.94
CA ASP A 122 -9.94 -14.15 -3.68
C ASP A 122 -10.14 -15.63 -3.44
N TYR A 123 -9.84 -16.07 -2.21
CA TYR A 123 -9.87 -17.48 -1.83
C TYR A 123 -10.90 -17.74 -0.75
N ILE A 124 -10.77 -17.13 0.42
CA ILE A 124 -11.75 -17.31 1.48
C ILE A 124 -11.76 -16.04 2.32
N ALA A 125 -12.95 -15.66 2.80
CA ALA A 125 -13.07 -14.46 3.61
C ALA A 125 -14.08 -14.69 4.73
N LEU A 126 -13.76 -14.18 5.90
CA LEU A 126 -14.74 -14.10 6.98
C LEU A 126 -15.82 -13.09 6.64
N ASN A 127 -17.09 -13.47 6.82
CA ASN A 127 -18.18 -12.55 6.57
C ASN A 127 -18.26 -11.51 7.68
N GLU A 128 -19.02 -10.43 7.42
CA GLU A 128 -19.09 -9.33 8.38
C GLU A 128 -19.66 -9.77 9.72
N ASP A 129 -20.45 -10.85 9.74
CA ASP A 129 -20.98 -11.36 11.00
C ASP A 129 -19.90 -11.95 11.90
N LEU A 130 -18.68 -12.09 11.40
CA LEU A 130 -17.56 -12.69 12.14
C LEU A 130 -17.90 -14.10 12.62
N SER A 131 -18.77 -14.79 11.88
CA SER A 131 -19.13 -16.14 12.29
C SER A 131 -19.30 -17.12 11.14
N SER A 132 -19.27 -16.69 9.88
CA SER A 132 -19.39 -17.58 8.73
C SER A 132 -18.37 -17.19 7.69
N TRP A 133 -18.14 -18.09 6.73
CA TRP A 133 -17.12 -17.93 5.72
C TRP A 133 -17.73 -17.86 4.32
N THR A 134 -17.07 -17.14 3.43
CA THR A 134 -17.37 -17.19 2.00
C THR A 134 -16.17 -17.78 1.27
N ALA A 135 -16.35 -18.93 0.64
CA ALA A 135 -15.31 -19.61 -0.10
C ALA A 135 -15.48 -19.38 -1.61
N ALA A 136 -14.37 -19.08 -2.29
CA ALA A 136 -14.44 -18.73 -3.70
C ALA A 136 -14.73 -19.92 -4.61
N ASP A 137 -14.32 -21.12 -4.22
CA ASP A 137 -14.36 -22.28 -5.11
C ASP A 137 -14.27 -23.56 -4.28
N THR A 138 -14.22 -24.71 -4.98
CA THR A 138 -14.26 -25.98 -4.27
C THR A 138 -13.00 -26.26 -3.47
N ALA A 139 -11.87 -25.65 -3.86
CA ALA A 139 -10.66 -25.77 -3.05
C ALA A 139 -10.83 -25.00 -1.73
N ALA A 140 -11.29 -23.76 -1.82
CA ALA A 140 -11.52 -22.98 -0.60
C ALA A 140 -12.57 -23.61 0.29
N GLN A 141 -13.49 -24.39 -0.28
CA GLN A 141 -14.46 -25.12 0.54
C GLN A 141 -13.76 -26.11 1.46
N ILE A 142 -12.61 -26.65 1.03
CA ILE A 142 -11.86 -27.54 1.92
C ILE A 142 -11.35 -26.77 3.12
N THR A 143 -10.75 -25.60 2.89
CA THR A 143 -10.33 -24.77 4.02
C THR A 143 -11.53 -24.40 4.90
N GLN A 144 -12.65 -24.06 4.27
CA GLN A 144 -13.85 -23.69 5.03
C GLN A 144 -14.27 -24.82 5.95
N ARG A 145 -14.33 -26.05 5.43
CA ARG A 145 -14.74 -27.17 6.26
CA ARG A 145 -14.73 -27.20 6.25
C ARG A 145 -13.75 -27.40 7.40
N LYS A 146 -12.44 -27.27 7.12
CA LYS A 146 -11.43 -27.37 8.17
C LYS A 146 -11.64 -26.30 9.24
N TRP A 147 -11.90 -25.06 8.80
CA TRP A 147 -12.03 -23.98 9.76
C TRP A 147 -13.36 -24.06 10.50
N GLU A 148 -14.41 -24.57 9.85
CA GLU A 148 -15.68 -24.80 10.55
C GLU A 148 -15.51 -25.89 11.61
N ALA A 149 -14.77 -26.95 11.29
CA ALA A 149 -14.52 -28.02 12.26
C ALA A 149 -13.69 -27.52 13.44
N ALA A 150 -12.75 -26.61 13.20
CA ALA A 150 -11.93 -26.04 14.27
C ALA A 150 -12.57 -24.84 14.96
N ARG A 151 -13.76 -24.40 14.55
CA ARG A 151 -14.38 -23.21 15.13
C ARG A 151 -13.43 -22.00 15.06
N GLU A 152 -12.78 -21.86 13.91
CA GLU A 152 -11.80 -20.79 13.75
C GLU A 152 -12.47 -19.42 13.67
N ALA A 153 -13.68 -19.34 13.11
CA ALA A 153 -14.38 -18.05 13.06
C ALA A 153 -14.58 -17.50 14.47
N GLU A 154 -14.90 -18.37 15.42
CA GLU A 154 -15.04 -17.94 16.81
C GLU A 154 -13.74 -17.39 17.36
N GLN A 155 -12.60 -17.96 16.94
CA GLN A 155 -11.31 -17.41 17.35
C GLN A 155 -11.06 -16.04 16.71
N LEU A 156 -11.40 -15.87 15.43
CA LEU A 156 -11.28 -14.56 14.81
C LEU A 156 -12.15 -13.53 15.51
N ARG A 157 -13.41 -13.88 15.77
CA ARG A 157 -14.30 -12.94 16.44
C ARG A 157 -13.73 -12.51 17.79
N ALA A 158 -13.23 -13.47 18.56
CA ALA A 158 -12.68 -13.14 19.88
C ALA A 158 -11.49 -12.18 19.76
N TYR A 159 -10.61 -12.41 18.78
CA TYR A 159 -9.50 -11.51 18.53
C TYR A 159 -10.00 -10.13 18.10
N LEU A 160 -10.95 -10.10 17.16
CA LEU A 160 -11.33 -8.84 16.52
C LEU A 160 -12.08 -7.94 17.50
N GLU A 161 -12.95 -8.52 18.34
CA GLU A 161 -13.70 -7.76 19.31
C GLU A 161 -12.89 -7.46 20.57
N GLY A 162 -11.81 -8.17 20.79
CA GLY A 162 -11.00 -8.01 21.98
C GLY A 162 -9.66 -7.36 21.71
N LEU A 163 -8.62 -8.18 21.52
CA LEU A 163 -7.26 -7.66 21.39
C LEU A 163 -7.14 -6.59 20.31
N CYS A 164 -7.79 -6.80 19.16
CA CYS A 164 -7.62 -5.89 18.02
C CYS A 164 -8.03 -4.46 18.41
N VAL A 165 -9.23 -4.31 18.97
CA VAL A 165 -9.68 -2.96 19.32
C VAL A 165 -8.92 -2.42 20.52
N GLU A 166 -8.58 -3.29 21.48
CA GLU A 166 -7.88 -2.84 22.68
C GLU A 166 -6.50 -2.29 22.34
N TRP A 167 -5.76 -3.01 21.50
CA TRP A 167 -4.43 -2.53 21.14
C TRP A 167 -4.51 -1.38 20.15
N LEU A 168 -5.50 -1.37 19.25
CA LEU A 168 -5.65 -0.20 18.40
C LEU A 168 -5.90 1.06 19.23
N ARG A 169 -6.75 0.97 20.26
CA ARG A 169 -6.96 2.14 21.09
C ARG A 169 -5.69 2.56 21.82
N ARG A 170 -4.89 1.58 22.24
CA ARG A 170 -3.61 1.91 22.88
C ARG A 170 -2.67 2.62 21.91
N TYR A 171 -2.54 2.08 20.70
CA TYR A 171 -1.67 2.69 19.69
C TYR A 171 -2.13 4.11 19.37
N LEU A 172 -3.44 4.32 19.27
CA LEU A 172 -3.94 5.64 18.90
C LEU A 172 -3.60 6.66 19.98
N GLU A 173 -3.63 6.26 21.24
CA GLU A 173 -3.24 7.18 22.30
C GLU A 173 -1.73 7.41 22.32
N ASN A 174 -0.94 6.34 22.19
CA ASN A 174 0.51 6.49 22.24
C ASN A 174 1.05 7.26 21.04
N GLY A 175 0.38 7.17 19.90
CA GLY A 175 0.78 7.90 18.70
C GLY A 175 -0.12 9.08 18.36
N LYS A 176 -0.80 9.64 19.36
CA LYS A 176 -1.88 10.59 19.07
C LYS A 176 -1.38 11.84 18.35
N GLU A 177 -0.12 12.25 18.57
CA GLU A 177 0.34 13.48 17.94
C GLU A 177 0.49 13.34 16.43
N THR A 178 0.61 12.12 15.91
CA THR A 178 0.65 11.87 14.46
C THR A 178 -0.59 11.14 13.95
N LEU A 179 -0.98 10.05 14.63
CA LEU A 179 -2.10 9.24 14.13
C LEU A 179 -3.41 9.99 14.16
N GLN A 180 -3.59 10.89 15.14
CA GLN A 180 -4.81 11.68 15.25
C GLN A 180 -4.60 13.12 14.79
N ARG A 181 -3.65 13.33 13.88
CA ARG A 181 -3.42 14.63 13.27
C ARG A 181 -3.59 14.47 11.76
N ALA A 182 -4.49 15.25 11.18
CA ALA A 182 -4.67 15.27 9.74
C ALA A 182 -3.92 16.46 9.19
N ASP A 183 -3.07 16.22 8.18
CA ASP A 183 -2.28 17.29 7.57
C ASP A 183 -2.91 17.65 6.24
N PRO A 184 -3.28 18.91 6.02
CA PRO A 184 -4.01 19.26 4.81
C PRO A 184 -3.09 19.30 3.61
N PRO A 185 -3.65 19.14 2.40
CA PRO A 185 -2.81 19.24 1.20
C PRO A 185 -2.40 20.67 0.95
N LYS A 186 -1.17 20.82 0.45
CA LYS A 186 -0.75 22.05 -0.19
C LYS A 186 -1.08 21.91 -1.67
N THR A 187 -1.75 22.93 -2.21
CA THR A 187 -2.35 22.82 -3.53
C THR A 187 -1.86 23.93 -4.44
N HIS A 188 -1.85 23.64 -5.74
CA HIS A 188 -1.69 24.68 -6.75
C HIS A 188 -2.13 24.13 -8.10
N VAL A 189 -2.32 25.02 -9.06
CA VAL A 189 -2.78 24.67 -10.40
C VAL A 189 -1.72 25.08 -11.41
N THR A 190 -1.34 24.16 -12.28
CA THR A 190 -0.37 24.44 -13.34
C THR A 190 -1.06 24.39 -14.71
N HIS A 191 -0.38 24.98 -15.69
CA HIS A 191 -0.88 25.16 -17.04
C HIS A 191 0.21 24.69 -17.99
N HIS A 192 -0.12 23.71 -18.83
CA HIS A 192 0.87 23.12 -19.74
C HIS A 192 0.33 23.20 -21.16
N PRO A 193 0.82 24.12 -21.99
CA PRO A 193 0.29 24.22 -23.36
C PRO A 193 0.55 22.94 -24.14
N ILE A 194 -0.41 22.58 -24.98
CA ILE A 194 -0.30 21.44 -25.87
C ILE A 194 -0.13 21.88 -27.30
N SER A 195 -0.94 22.84 -27.73
CA SER A 195 -0.96 23.35 -29.09
C SER A 195 -1.60 24.73 -29.05
N ASP A 196 -1.84 25.32 -30.22
CA ASP A 196 -2.63 26.55 -30.25
C ASP A 196 -4.08 26.32 -29.85
N HIS A 197 -4.53 25.06 -29.83
CA HIS A 197 -5.95 24.76 -29.60
CA HIS A 197 -5.93 24.68 -29.62
C HIS A 197 -6.26 24.42 -28.16
N GLU A 198 -5.33 23.78 -27.44
CA GLU A 198 -5.59 23.18 -26.13
C GLU A 198 -4.41 23.39 -25.19
N ALA A 199 -4.70 23.35 -23.90
CA ALA A 199 -3.68 23.26 -22.87
C ALA A 199 -4.16 22.32 -21.77
N THR A 200 -3.22 21.84 -20.97
CA THR A 200 -3.52 20.99 -19.82
C THR A 200 -3.57 21.82 -18.55
N LEU A 201 -4.64 21.68 -17.79
CA LEU A 201 -4.69 22.22 -16.43
C LEU A 201 -4.49 21.08 -15.45
N ARG A 202 -3.51 21.22 -14.55
CA ARG A 202 -3.22 20.17 -13.58
C ARG A 202 -3.36 20.70 -12.18
N CYS A 203 -4.18 20.04 -11.38
CA CYS A 203 -4.43 20.41 -9.99
C CYS A 203 -3.63 19.49 -9.08
N TRP A 204 -2.79 20.09 -8.22
CA TRP A 204 -1.84 19.36 -7.39
C TRP A 204 -2.24 19.38 -5.93
N ALA A 205 -2.03 18.26 -5.24
CA ALA A 205 -2.19 18.18 -3.79
C ALA A 205 -0.98 17.45 -3.23
N LEU A 206 -0.26 18.13 -2.32
CA LEU A 206 1.01 17.64 -1.81
C LEU A 206 1.01 17.67 -0.30
N GLY A 207 1.71 16.69 0.29
CA GLY A 207 1.99 16.70 1.71
C GLY A 207 0.81 16.45 2.63
N PHE A 208 -0.21 15.71 2.18
CA PHE A 208 -1.38 15.49 3.02
C PHE A 208 -1.31 14.13 3.70
N TYR A 209 -2.03 14.01 4.83
CA TYR A 209 -2.18 12.78 5.59
C TYR A 209 -3.53 12.89 6.28
N PRO A 210 -4.36 11.82 6.27
CA PRO A 210 -4.10 10.53 5.62
C PRO A 210 -4.30 10.56 4.11
N ALA A 211 -4.23 9.39 3.47
CA ALA A 211 -4.20 9.32 2.01
C ALA A 211 -5.54 9.66 1.38
N GLU A 212 -6.64 9.40 2.09
CA GLU A 212 -7.98 9.71 1.58
C GLU A 212 -8.08 11.17 1.13
N ILE A 213 -8.48 11.39 -0.12
CA ILE A 213 -8.64 12.74 -0.64
C ILE A 213 -9.57 12.68 -1.85
N THR A 214 -10.22 13.82 -2.15
CA THR A 214 -11.03 13.97 -3.34
C THR A 214 -10.52 15.16 -4.14
N LEU A 215 -10.10 14.90 -5.37
CA LEU A 215 -9.64 15.93 -6.31
C LEU A 215 -10.49 15.78 -7.55
N THR A 216 -11.17 16.85 -7.94
CA THR A 216 -12.06 16.80 -9.10
C THR A 216 -11.94 18.10 -9.89
N TRP A 217 -12.13 18.00 -11.20
CA TRP A 217 -12.27 19.15 -12.07
C TRP A 217 -13.73 19.34 -12.45
N GLN A 218 -14.17 20.59 -12.47
CA GLN A 218 -15.49 20.95 -12.97
C GLN A 218 -15.35 21.93 -14.14
N ARG A 219 -16.27 21.83 -15.09
CA ARG A 219 -16.39 22.81 -16.17
C ARG A 219 -17.81 23.37 -16.13
N ASP A 220 -17.92 24.68 -15.89
CA ASP A 220 -19.21 25.33 -15.67
C ASP A 220 -19.99 24.67 -14.54
N GLY A 221 -19.27 24.19 -13.52
CA GLY A 221 -19.90 23.59 -12.35
C GLY A 221 -20.29 22.14 -12.51
N GLU A 222 -19.97 21.49 -13.62
CA GLU A 222 -20.32 20.11 -13.87
C GLU A 222 -19.06 19.24 -13.82
N ASP A 223 -19.14 18.14 -13.08
CA ASP A 223 -17.96 17.27 -12.91
C ASP A 223 -17.47 16.75 -14.26
N GLN A 224 -16.16 16.72 -14.41
CA GLN A 224 -15.50 16.28 -15.63
C GLN A 224 -14.88 14.89 -15.48
N THR A 225 -15.57 13.98 -14.79
CA THR A 225 -14.96 12.72 -14.39
C THR A 225 -14.41 11.95 -15.59
N GLN A 226 -15.19 11.83 -16.66
CA GLN A 226 -14.74 11.05 -17.81
C GLN A 226 -13.53 11.66 -18.50
N ASP A 227 -13.36 12.98 -18.38
CA ASP A 227 -12.28 13.70 -19.05
C ASP A 227 -11.09 14.00 -18.15
N THR A 228 -11.14 13.63 -16.87
CA THR A 228 -10.08 13.95 -15.94
C THR A 228 -9.11 12.79 -15.83
N GLU A 229 -7.82 13.08 -16.00
CA GLU A 229 -6.76 12.12 -15.73
C GLU A 229 -6.38 12.21 -14.25
N LEU A 230 -6.54 11.11 -13.54
CA LEU A 230 -6.39 11.07 -12.09
C LEU A 230 -5.29 10.07 -11.76
N VAL A 231 -4.12 10.56 -11.32
CA VAL A 231 -3.01 9.67 -11.00
C VAL A 231 -3.26 8.99 -9.64
N GLU A 232 -2.71 7.79 -9.47
CA GLU A 232 -2.88 7.08 -8.20
C GLU A 232 -2.18 7.85 -7.09
N THR A 233 -2.85 7.95 -5.93
CA THR A 233 -2.24 8.58 -4.77
C THR A 233 -0.94 7.86 -4.42
N ARG A 234 0.11 8.64 -4.16
CA ARG A 234 1.46 8.09 -4.05
C ARG A 234 2.15 8.60 -2.80
N PRO A 235 2.97 7.78 -2.15
CA PRO A 235 3.63 8.20 -0.91
C PRO A 235 4.83 9.11 -1.17
N ALA A 236 4.96 10.14 -0.33
CA ALA A 236 6.12 11.01 -0.47
C ALA A 236 7.36 10.45 0.22
N GLY A 237 7.20 9.55 1.19
CA GLY A 237 8.30 9.00 1.96
C GLY A 237 8.44 9.59 3.36
N ASP A 238 7.75 10.69 3.65
CA ASP A 238 7.79 11.36 4.94
C ASP A 238 6.48 11.22 5.70
N ARG A 239 5.72 10.16 5.41
CA ARG A 239 4.38 9.82 5.92
C ARG A 239 3.27 10.46 5.09
N THR A 240 3.57 11.51 4.31
CA THR A 240 2.52 12.19 3.58
C THR A 240 2.35 11.62 2.18
N PHE A 241 1.31 12.09 1.49
CA PHE A 241 0.92 11.58 0.18
C PHE A 241 0.80 12.72 -0.82
N GLN A 242 0.76 12.35 -2.09
CA GLN A 242 0.71 13.27 -3.21
C GLN A 242 -0.31 12.79 -4.23
N LYS A 243 -0.94 13.72 -4.92
CA LYS A 243 -1.87 13.34 -5.98
C LYS A 243 -2.08 14.52 -6.91
N TRP A 244 -2.41 14.24 -8.18
CA TRP A 244 -2.83 15.29 -9.09
C TRP A 244 -3.94 14.81 -10.02
N ALA A 245 -4.68 15.80 -10.55
CA ALA A 245 -5.77 15.58 -11.49
C ALA A 245 -5.58 16.55 -12.64
N ALA A 246 -5.78 16.06 -13.87
CA ALA A 246 -5.52 16.90 -15.03
C ALA A 246 -6.67 16.83 -16.02
N VAL A 247 -6.90 17.96 -16.71
CA VAL A 247 -7.93 18.06 -17.73
C VAL A 247 -7.37 18.89 -18.88
N VAL A 248 -7.76 18.53 -20.10
CA VAL A 248 -7.33 19.21 -21.32
C VAL A 248 -8.41 20.22 -21.68
N VAL A 249 -8.02 21.49 -21.77
CA VAL A 249 -9.02 22.54 -21.93
C VAL A 249 -8.79 23.31 -23.23
N PRO A 250 -9.85 23.80 -23.88
CA PRO A 250 -9.64 24.65 -25.06
C PRO A 250 -9.01 25.97 -24.67
N SER A 251 -8.09 26.44 -25.52
CA SER A 251 -7.42 27.72 -25.26
C SER A 251 -8.44 28.83 -25.03
N GLY A 252 -8.21 29.61 -23.98
CA GLY A 252 -9.10 30.71 -23.63
C GLY A 252 -10.33 30.33 -22.83
N GLU A 253 -10.61 29.03 -22.65
CA GLU A 253 -11.74 28.60 -21.83
C GLU A 253 -11.31 28.24 -20.40
N GLU A 254 -10.07 28.58 -20.02
CA GLU A 254 -9.51 28.13 -18.74
C GLU A 254 -10.38 28.55 -17.55
N GLN A 255 -11.03 29.72 -17.61
CA GLN A 255 -11.74 30.18 -16.43
C GLN A 255 -13.08 29.47 -16.23
N ARG A 256 -13.52 28.67 -17.18
CA ARG A 256 -14.69 27.85 -16.94
C ARG A 256 -14.39 26.64 -16.07
N TYR A 257 -13.11 26.40 -15.72
CA TYR A 257 -12.68 25.18 -15.04
C TYR A 257 -12.26 25.47 -13.60
N THR A 258 -12.75 24.67 -12.67
CA THR A 258 -12.39 24.79 -11.25
C THR A 258 -11.95 23.43 -10.73
N CYS A 259 -10.95 23.46 -9.85
CA CYS A 259 -10.48 22.27 -9.15
C CYS A 259 -11.00 22.29 -7.72
N HIS A 260 -11.57 21.18 -7.29
CA HIS A 260 -12.20 21.08 -5.98
C HIS A 260 -11.45 20.04 -5.16
N VAL A 261 -11.05 20.42 -3.95
CA VAL A 261 -10.22 19.60 -3.08
C VAL A 261 -10.94 19.39 -1.76
N GLN A 262 -11.07 18.13 -1.36
CA GLN A 262 -11.66 17.76 -0.07
C GLN A 262 -10.68 16.88 0.67
N HIS A 263 -10.39 17.24 1.92
CA HIS A 263 -9.46 16.47 2.75
C HIS A 263 -9.72 16.81 4.21
N GLU A 264 -9.55 15.79 5.07
CA GLU A 264 -9.82 15.92 6.50
C GLU A 264 -8.99 17.02 7.17
N GLY A 265 -7.81 17.34 6.64
CA GLY A 265 -7.00 18.37 7.28
C GLY A 265 -7.40 19.79 6.96
N LEU A 266 -8.30 19.97 6.04
CA LEU A 266 -8.66 21.29 5.56
C LEU A 266 -9.78 21.87 6.42
N PRO A 267 -9.68 23.14 6.81
CA PRO A 267 -10.81 23.80 7.49
C PRO A 267 -12.10 23.73 6.68
N LYS A 268 -12.01 23.98 5.37
CA LYS A 268 -13.14 23.93 4.46
C LYS A 268 -12.64 23.43 3.10
N PRO A 269 -13.50 22.84 2.28
CA PRO A 269 -13.07 22.41 0.94
C PRO A 269 -12.55 23.58 0.12
N LEU A 270 -11.58 23.28 -0.74
CA LEU A 270 -10.93 24.30 -1.56
C LEU A 270 -11.53 24.30 -2.95
N THR A 271 -11.62 25.51 -3.53
CA THR A 271 -11.94 25.67 -4.94
C THR A 271 -10.82 26.48 -5.56
N LEU A 272 -10.14 25.91 -6.55
CA LEU A 272 -8.97 26.51 -7.16
C LEU A 272 -9.20 26.69 -8.65
N ARG A 273 -8.59 27.73 -9.22
CA ARG A 273 -8.60 27.94 -10.65
C ARG A 273 -7.20 28.35 -11.06
N TRP A 274 -6.92 28.26 -12.35
CA TRP A 274 -5.60 28.69 -12.83
C TRP A 274 -5.48 30.20 -12.67
N GLU A 275 -4.33 30.64 -12.17
CA GLU A 275 -4.02 32.05 -11.97
C GLU A 275 -2.81 32.40 -12.83
N PRO A 276 -3.02 32.92 -14.05
CA PRO A 276 -1.91 33.23 -14.96
C PRO A 276 -0.95 34.28 -14.40
N ILE B 1 -2.80 -15.69 -13.25
CA ILE B 1 -3.05 -14.36 -13.83
C ILE B 1 -2.10 -13.34 -13.22
N GLN B 2 -1.44 -12.56 -14.08
CA GLN B 2 -0.37 -11.66 -13.68
C GLN B 2 -0.74 -10.23 -14.03
N ARG B 3 -0.17 -9.28 -13.30
CA ARG B 3 -0.52 -7.87 -13.44
C ARG B 3 0.74 -7.04 -13.56
N THR B 4 0.77 -6.14 -14.55
CA THR B 4 2.02 -5.44 -14.80
C THR B 4 2.10 -4.18 -13.94
N PRO B 5 3.29 -3.79 -13.50
CA PRO B 5 3.40 -2.65 -12.56
C PRO B 5 3.09 -1.33 -13.24
N LYS B 6 2.42 -0.46 -12.48
CA LYS B 6 2.38 0.97 -12.77
C LYS B 6 3.56 1.64 -12.08
N ILE B 7 4.09 2.69 -12.70
CA ILE B 7 5.34 3.31 -12.27
C ILE B 7 5.14 4.82 -12.23
N GLN B 8 5.47 5.43 -11.10
CA GLN B 8 5.55 6.89 -10.99
C GLN B 8 6.92 7.26 -10.46
N VAL B 9 7.53 8.28 -11.08
CA VAL B 9 8.86 8.76 -10.70
C VAL B 9 8.74 10.25 -10.36
N TYR B 10 9.20 10.63 -9.18
CA TYR B 10 8.88 11.95 -8.64
C TYR B 10 9.76 12.21 -7.43
N SER B 11 9.80 13.48 -6.99
CA SER B 11 10.57 13.86 -5.82
C SER B 11 9.67 14.06 -4.61
N ARG B 12 10.25 13.86 -3.42
CA ARG B 12 9.51 14.05 -2.17
C ARG B 12 9.05 15.50 -2.04
N HIS B 13 9.96 16.44 -2.21
CA HIS B 13 9.69 17.87 -2.16
C HIS B 13 9.80 18.47 -3.55
N PRO B 14 9.20 19.65 -3.78
CA PRO B 14 9.38 20.31 -5.07
C PRO B 14 10.86 20.52 -5.35
N ALA B 15 11.26 20.24 -6.59
CA ALA B 15 12.66 20.13 -6.92
C ALA B 15 13.29 21.52 -7.05
N GLU B 16 14.44 21.70 -6.41
CA GLU B 16 15.21 22.94 -6.42
C GLU B 16 16.66 22.59 -6.64
N ASN B 17 17.22 22.99 -7.79
CA ASN B 17 18.62 22.69 -8.10
C ASN B 17 19.53 23.08 -6.93
N GLY B 18 20.41 22.17 -6.56
CA GLY B 18 21.37 22.41 -5.51
C GLY B 18 20.90 22.13 -4.11
N LYS B 19 19.64 21.76 -3.91
CA LYS B 19 19.09 21.49 -2.57
C LYS B 19 18.72 20.02 -2.45
N SER B 20 19.14 19.40 -1.35
CA SER B 20 18.93 17.98 -1.15
C SER B 20 17.45 17.65 -1.12
N ASN B 21 17.11 16.46 -1.62
CA ASN B 21 15.75 16.02 -1.84
C ASN B 21 15.74 14.50 -1.72
N PHE B 22 14.61 13.88 -2.04
CA PHE B 22 14.52 12.43 -2.22
C PHE B 22 13.91 12.14 -3.57
N LEU B 23 14.49 11.20 -4.30
CA LEU B 23 13.95 10.73 -5.56
C LEU B 23 13.18 9.43 -5.32
N ASN B 24 11.94 9.38 -5.78
CA ASN B 24 11.03 8.28 -5.52
C ASN B 24 10.69 7.56 -6.82
N CYS B 25 10.66 6.23 -6.75
CA CYS B 25 10.04 5.41 -7.79
C CYS B 25 9.02 4.53 -7.08
N TYR B 26 7.74 4.79 -7.36
CA TYR B 26 6.63 4.07 -6.74
C TYR B 26 6.07 3.08 -7.76
N VAL B 27 6.14 1.80 -7.43
CA VAL B 27 5.71 0.74 -8.31
C VAL B 27 4.52 0.07 -7.64
N SER B 28 3.43 -0.13 -8.39
CA SER B 28 2.19 -0.58 -7.76
C SER B 28 1.37 -1.34 -8.78
N GLY B 29 0.33 -2.02 -8.30
CA GLY B 29 -0.59 -2.69 -9.18
C GLY B 29 -0.12 -4.00 -9.74
N PHE B 30 0.97 -4.56 -9.22
CA PHE B 30 1.59 -5.71 -9.88
C PHE B 30 1.38 -7.00 -9.07
N HIS B 31 1.53 -8.11 -9.78
CA HIS B 31 1.36 -9.45 -9.25
C HIS B 31 1.98 -10.42 -10.25
N PRO B 32 2.88 -11.32 -9.81
CA PRO B 32 3.29 -11.57 -8.44
C PRO B 32 4.27 -10.52 -7.89
N SER B 33 4.80 -10.77 -6.69
CA SER B 33 5.51 -9.74 -5.94
C SER B 33 6.96 -9.57 -6.38
N ASP B 34 7.58 -10.57 -6.99
CA ASP B 34 8.97 -10.43 -7.41
C ASP B 34 9.09 -9.31 -8.43
N ILE B 35 10.01 -8.38 -8.19
CA ILE B 35 10.18 -7.24 -9.08
C ILE B 35 11.60 -6.70 -8.90
N GLU B 36 12.13 -6.11 -9.96
CA GLU B 36 13.48 -5.56 -9.97
C GLU B 36 13.37 -4.08 -10.31
N VAL B 37 13.86 -3.23 -9.41
CA VAL B 37 13.75 -1.78 -9.58
C VAL B 37 15.12 -1.16 -9.34
N ASP B 38 15.58 -0.38 -10.31
CA ASP B 38 16.80 0.41 -10.18
C ASP B 38 16.45 1.88 -10.41
N LEU B 39 17.13 2.75 -9.67
CA LEU B 39 17.10 4.17 -9.95
C LEU B 39 18.38 4.53 -10.71
N LEU B 40 18.24 5.36 -11.74
CA LEU B 40 19.33 5.67 -12.64
C LEU B 40 19.70 7.15 -12.60
N LYS B 41 21.00 7.43 -12.64
CA LYS B 41 21.51 8.79 -12.76
C LYS B 41 22.33 8.84 -14.05
N ASN B 42 21.83 9.57 -15.03
CA ASN B 42 22.46 9.67 -16.36
C ASN B 42 22.68 8.30 -16.98
N GLY B 43 21.77 7.36 -16.72
CA GLY B 43 21.86 6.02 -17.28
C GLY B 43 22.53 4.99 -16.40
N GLU B 44 23.17 5.39 -15.30
CA GLU B 44 23.92 4.48 -14.45
C GLU B 44 23.15 4.19 -13.17
N ARG B 45 23.26 2.95 -12.69
CA ARG B 45 22.52 2.53 -11.52
C ARG B 45 23.03 3.24 -10.27
N ILE B 46 22.11 3.74 -9.45
CA ILE B 46 22.47 4.36 -8.18
C ILE B 46 22.62 3.27 -7.12
N GLU B 47 23.69 3.36 -6.34
CA GLU B 47 23.97 2.33 -5.35
CA GLU B 47 24.00 2.35 -5.34
C GLU B 47 23.26 2.65 -4.04
N LYS B 48 22.91 1.58 -3.32
CA LYS B 48 22.34 1.67 -1.96
C LYS B 48 20.98 2.40 -1.93
N VAL B 49 20.11 2.08 -2.88
CA VAL B 49 18.74 2.58 -2.89
C VAL B 49 17.92 1.77 -1.89
N GLU B 50 17.09 2.44 -1.11
CA GLU B 50 16.25 1.77 -0.11
C GLU B 50 14.86 1.52 -0.66
N HIS B 51 14.10 0.65 0.03
CA HIS B 51 12.72 0.46 -0.38
C HIS B 51 11.85 0.13 0.82
N SER B 52 10.55 0.32 0.64
CA SER B 52 9.56 0.03 1.67
C SER B 52 9.35 -1.47 1.83
N ASP B 53 8.65 -1.84 2.91
CA ASP B 53 8.32 -3.23 3.15
C ASP B 53 7.12 -3.63 2.30
N LEU B 54 7.16 -4.87 1.79
CA LEU B 54 6.16 -5.32 0.84
C LEU B 54 4.77 -5.32 1.46
N SER B 55 3.83 -4.66 0.78
CA SER B 55 2.44 -4.72 1.18
C SER B 55 1.58 -4.77 -0.08
N PHE B 56 0.25 -4.77 0.10
CA PHE B 56 -0.62 -4.87 -1.06
C PHE B 56 -1.92 -4.11 -0.82
N SER B 57 -2.61 -3.86 -1.93
CA SER B 57 -3.83 -3.07 -2.03
C SER B 57 -5.07 -3.96 -1.90
N LYS B 58 -6.25 -3.31 -1.92
CA LYS B 58 -7.50 -4.05 -1.72
C LYS B 58 -7.71 -5.11 -2.79
N ASP B 59 -7.21 -4.88 -4.00
CA ASP B 59 -7.34 -5.84 -5.10
C ASP B 59 -6.23 -6.87 -5.11
N TRP B 60 -5.44 -6.95 -4.04
CA TRP B 60 -4.34 -7.89 -3.81
C TRP B 60 -3.08 -7.54 -4.61
N SER B 61 -3.07 -6.48 -5.41
CA SER B 61 -1.83 -6.14 -6.12
C SER B 61 -0.84 -5.52 -5.15
N PHE B 62 0.45 -5.70 -5.44
CA PHE B 62 1.53 -5.27 -4.56
C PHE B 62 1.96 -3.85 -4.87
N TYR B 63 2.59 -3.20 -3.90
CA TYR B 63 3.19 -1.89 -4.10
C TYR B 63 4.45 -1.76 -3.28
N LEU B 64 5.39 -0.98 -3.80
CA LEU B 64 6.68 -0.73 -3.17
C LEU B 64 7.13 0.67 -3.54
N LEU B 65 7.80 1.33 -2.60
CA LEU B 65 8.45 2.61 -2.84
C LEU B 65 9.97 2.42 -2.78
N TYR B 66 10.65 2.73 -3.89
CA TYR B 66 12.11 2.79 -3.92
C TYR B 66 12.52 4.26 -3.88
N TYR B 67 13.53 4.57 -3.08
CA TYR B 67 13.88 5.96 -2.83
C TYR B 67 15.37 6.10 -2.50
N THR B 68 15.89 7.29 -2.77
CA THR B 68 17.26 7.64 -2.43
C THR B 68 17.34 9.15 -2.27
N GLU B 69 18.21 9.60 -1.37
CA GLU B 69 18.53 11.01 -1.31
C GLU B 69 19.31 11.43 -2.53
N PHE B 70 19.00 12.63 -3.04
CA PHE B 70 19.74 13.18 -4.16
C PHE B 70 19.63 14.70 -4.11
N THR B 71 20.54 15.35 -4.81
CA THR B 71 20.51 16.79 -5.01
C THR B 71 20.37 17.05 -6.49
N PRO B 72 19.21 17.47 -6.97
CA PRO B 72 19.05 17.68 -8.41
C PRO B 72 19.90 18.85 -8.90
N THR B 73 20.28 18.76 -10.18
CA THR B 73 20.97 19.80 -10.93
C THR B 73 20.32 19.91 -12.30
N GLU B 74 20.75 20.91 -13.08
CA GLU B 74 20.19 21.06 -14.42
C GLU B 74 20.66 19.93 -15.33
N LYS B 75 21.94 19.59 -15.25
CA LYS B 75 22.52 18.59 -16.15
C LYS B 75 21.91 17.21 -15.91
N ASP B 76 21.82 16.81 -14.65
CA ASP B 76 21.59 15.41 -14.32
C ASP B 76 20.19 14.96 -14.72
N GLU B 77 20.15 13.76 -15.31
CA GLU B 77 18.92 13.11 -15.74
C GLU B 77 18.69 11.89 -14.86
N TYR B 78 17.47 11.74 -14.35
CA TYR B 78 17.16 10.63 -13.47
C TYR B 78 16.06 9.78 -14.06
N ALA B 79 16.09 8.49 -13.73
CA ALA B 79 15.09 7.57 -14.25
C ALA B 79 14.93 6.40 -13.29
N CYS B 80 13.87 5.64 -13.51
CA CYS B 80 13.58 4.41 -12.80
C CYS B 80 13.47 3.29 -13.82
N ARG B 81 14.17 2.18 -13.59
CA ARG B 81 14.13 1.02 -14.47
C ARG B 81 13.54 -0.17 -13.75
N VAL B 82 12.49 -0.76 -14.33
CA VAL B 82 11.68 -1.78 -13.67
C VAL B 82 11.62 -3.02 -14.56
N ASN B 83 11.92 -4.18 -13.98
CA ASN B 83 11.66 -5.45 -14.65
C ASN B 83 10.74 -6.31 -13.80
N HIS B 84 9.88 -7.06 -14.47
CA HIS B 84 8.83 -7.88 -13.88
C HIS B 84 8.50 -8.98 -14.88
N VAL B 85 7.96 -10.10 -14.38
CA VAL B 85 7.66 -11.22 -15.28
C VAL B 85 6.73 -10.80 -16.41
N THR B 86 5.85 -9.81 -16.18
CA THR B 86 4.94 -9.36 -17.22
C THR B 86 5.63 -8.55 -18.32
N LEU B 87 6.88 -8.17 -18.14
CA LEU B 87 7.55 -7.26 -19.06
C LEU B 87 8.56 -8.04 -19.91
N SER B 88 8.46 -7.90 -21.23
CA SER B 88 9.43 -8.54 -22.10
C SER B 88 10.82 -8.01 -21.84
N GLN B 89 10.96 -6.70 -21.71
CA GLN B 89 12.22 -6.03 -21.44
C GLN B 89 12.00 -5.00 -20.33
N PRO B 90 13.07 -4.56 -19.66
CA PRO B 90 12.91 -3.56 -18.60
C PRO B 90 12.29 -2.27 -19.12
N LYS B 91 11.40 -1.70 -18.31
CA LYS B 91 10.76 -0.43 -18.61
C LYS B 91 11.51 0.69 -17.92
N ILE B 92 11.82 1.73 -18.67
CA ILE B 92 12.52 2.90 -18.15
C ILE B 92 11.54 4.06 -18.17
N VAL B 93 11.33 4.68 -17.00
CA VAL B 93 10.45 5.83 -16.87
C VAL B 93 11.32 6.99 -16.37
N LYS B 94 11.35 8.08 -17.13
CA LYS B 94 12.22 9.19 -16.79
C LYS B 94 11.56 10.09 -15.75
N TRP B 95 12.39 10.67 -14.88
CA TRP B 95 11.90 11.69 -13.96
C TRP B 95 11.58 12.94 -14.77
N ASP B 96 10.29 13.20 -14.98
CA ASP B 96 9.82 14.41 -15.63
C ASP B 96 9.88 15.53 -14.60
N ARG B 97 10.92 16.35 -14.67
CA ARG B 97 11.16 17.35 -13.62
C ARG B 97 9.98 18.31 -13.52
N ASP B 98 9.56 18.89 -14.64
CA ASP B 98 8.45 19.83 -14.61
C ASP B 98 7.13 19.09 -14.77
N MET B 99 6.21 19.38 -13.85
CA MET B 99 4.88 18.83 -13.91
C MET B 99 3.96 19.83 -13.23
N GLU C 1 -1.12 -5.59 17.64
CA GLU C 1 -0.93 -6.91 18.25
C GLU C 1 -1.48 -8.00 17.33
N LEU C 2 -0.62 -8.98 17.00
CA LEU C 2 -0.97 -10.04 16.05
C LEU C 2 -1.94 -11.04 16.68
N ARG C 3 -2.69 -11.72 15.82
CA ARG C 3 -3.52 -12.82 16.28
C ARG C 3 -2.69 -14.08 16.40
N ALA C 4 -2.77 -14.74 17.55
CA ALA C 4 -1.99 -15.95 17.77
C ALA C 4 -2.78 -17.20 17.37
N ARG C 5 -2.05 -18.31 17.20
CA ARG C 5 -2.63 -19.66 17.07
C ARG C 5 -3.48 -19.85 15.81
N GLU C 6 -3.03 -19.31 14.68
CA GLU C 6 -3.79 -19.45 13.44
C GLU C 6 -3.87 -20.92 13.01
N GLU C 7 -5.04 -21.34 12.52
CA GLU C 7 -5.17 -22.65 11.89
C GLU C 7 -4.64 -22.60 10.47
N ALA C 8 -3.96 -23.66 10.04
CA ALA C 8 -3.52 -23.76 8.66
C ALA C 8 -4.71 -23.86 7.72
N TYR C 9 -4.51 -23.43 6.47
CA TYR C 9 -5.52 -23.51 5.41
C TYR C 9 -5.73 -24.94 4.94
#